data_7SKX
#
_entry.id   7SKX
#
_cell.length_a   67.080
_cell.length_b   67.080
_cell.length_c   106.780
_cell.angle_alpha   90.000
_cell.angle_beta   90.000
_cell.angle_gamma   90.000
#
_symmetry.space_group_name_H-M   'P 43 21 2'
#
loop_
_entity.id
_entity.type
_entity.pdbx_description
1 polymer 'Proteinase K'
2 non-polymer '5-amino-2,4,6-triiodobenzene-1,3-dicarboxylic acid'
3 non-polymer 'CALCIUM ION'
4 water water
#
_entity_poly.entity_id   1
_entity_poly.type   'polypeptide(L)'
_entity_poly.pdbx_seq_one_letter_code
;AAQTNAPWGLARISSTSPGTSTYYYDESAGQGSCVYVIDTGIEASHPEFEGRAQMVKTYYYSSRDGNGHGTHCAGTVGSR
TYGVAKKTQLFGVKVLDDNGSGQYSTIIAGMDFVASDKNNRNCPKGVVASLSLGGGYSSSVNSAAARLQSSGVMVAVAAG
NNNADARNYSPASEPSVCTVGASDRYDRRSSFSNYGSVLDIFGPGTSILSTWIGGSTRSISGTSMATPHVAGLAAYLMTL
GKTTAASACRYIADTANKGDLSNIPFGTVNLLAYNNYQA
;
_entity_poly.pdbx_strand_id   C
#
loop_
_chem_comp.id
_chem_comp.type
_chem_comp.name
_chem_comp.formula
CA non-polymer 'CALCIUM ION' 'Ca 2'
I3C non-polymer '5-amino-2,4,6-triiodobenzene-1,3-dicarboxylic acid' 'C8 H4 I3 N O4'
#
# COMPACT_ATOMS: atom_id res chain seq x y z
N ALA A 1 -3.61 1.34 21.33
CA ALA A 1 -4.22 2.61 20.84
C ALA A 1 -5.48 2.26 20.05
N ALA A 2 -6.43 3.17 20.04
CA ALA A 2 -7.78 2.97 19.46
C ALA A 2 -8.17 4.27 18.80
N GLN A 3 -8.34 4.26 17.49
CA GLN A 3 -8.85 5.46 16.81
C GLN A 3 -10.32 5.26 16.58
N THR A 4 -11.17 6.03 17.24
CA THR A 4 -12.63 5.85 17.12
C THR A 4 -13.08 6.46 15.81
N ASN A 5 -14.19 5.96 15.24
CA ASN A 5 -14.78 6.52 14.01
C ASN A 5 -13.71 6.56 12.90
N ALA A 6 -12.88 5.52 12.83
CA ALA A 6 -11.79 5.40 11.85
C ALA A 6 -12.43 5.12 10.50
N PRO A 7 -11.74 5.43 9.42
CA PRO A 7 -12.17 4.97 8.10
C PRO A 7 -12.40 3.46 8.16
N TRP A 8 -13.40 2.97 7.45
CA TRP A 8 -13.81 1.55 7.60
C TRP A 8 -12.62 0.63 7.36
N GLY A 9 -11.75 0.94 6.41
CA GLY A 9 -10.65 0.05 6.08
C GLY A 9 -9.69 -0.14 7.23
N LEU A 10 -9.42 0.94 7.97
CA LEU A 10 -8.53 0.83 9.13
C LEU A 10 -9.26 0.00 10.16
N ALA A 11 -10.53 0.25 10.40
CA ALA A 11 -11.29 -0.60 11.34
C ALA A 11 -11.16 -2.05 10.89
N ARG A 12 -11.29 -2.29 9.58
CA ARG A 12 -11.39 -3.66 9.05
C ARG A 12 -10.10 -4.40 9.33
N ILE A 13 -8.98 -3.74 9.12
CA ILE A 13 -7.70 -4.44 9.27
C ILE A 13 -7.40 -4.71 10.75
N SER A 14 -8.17 -4.16 11.70
CA SER A 14 -7.93 -4.48 13.13
C SER A 14 -9.10 -5.25 13.71
N SER A 15 -9.87 -5.91 12.86
CA SER A 15 -11.05 -6.67 13.29
C SER A 15 -11.07 -8.02 12.61
N THR A 16 -11.63 -9.01 13.26
CA THR A 16 -11.85 -10.29 12.56
C THR A 16 -13.12 -10.17 11.76
N SER A 17 -13.90 -9.13 11.98
CA SER A 17 -15.28 -9.06 11.44
C SER A 17 -15.47 -7.74 10.73
N PRO A 18 -16.31 -7.66 9.68
CA PRO A 18 -16.63 -6.37 9.08
C PRO A 18 -17.59 -5.56 9.94
N GLY A 19 -17.73 -4.28 9.62
CA GLY A 19 -18.74 -3.39 10.22
C GLY A 19 -18.33 -2.76 11.54
N THR A 20 -17.08 -2.88 11.98
CA THR A 20 -16.61 -2.13 13.17
C THR A 20 -16.20 -0.71 12.73
N SER A 21 -16.03 0.18 13.69
CA SER A 21 -15.75 1.62 13.48
C SER A 21 -14.41 2.02 14.12
N THR A 22 -13.85 1.19 14.99
CA THR A 22 -12.62 1.52 15.75
C THR A 22 -11.40 0.86 15.12
N TYR A 23 -10.36 1.65 14.87
CA TYR A 23 -9.07 1.08 14.44
C TYR A 23 -8.21 0.84 15.67
N TYR A 24 -7.94 -0.40 15.98
CA TYR A 24 -7.12 -0.79 17.16
C TYR A 24 -5.74 -1.10 16.65
N TYR A 25 -4.74 -0.47 17.22
CA TYR A 25 -3.37 -0.64 16.73
C TYR A 25 -2.39 -0.40 17.85
N ASP A 26 -1.28 -1.09 17.79
CA ASP A 26 -0.19 -0.82 18.75
C ASP A 26 0.33 0.60 18.58
N GLU A 27 0.54 1.31 19.68
CA GLU A 27 0.96 2.73 19.68
C GLU A 27 2.28 2.89 18.93
N SER A 28 3.08 1.85 18.76
CA SER A 28 4.37 2.03 18.05
C SER A 28 4.07 2.57 16.63
N ALA A 29 2.95 2.13 16.00
CA ALA A 29 2.39 2.73 14.78
C ALA A 29 3.41 2.83 13.65
N GLY A 30 4.31 1.87 13.49
CA GLY A 30 5.26 1.87 12.39
C GLY A 30 6.39 2.86 12.58
N GLN A 31 6.55 3.42 13.78
CA GLN A 31 7.68 4.33 14.08
C GLN A 31 8.99 3.60 13.72
N GLY A 32 9.88 4.20 12.98
CA GLY A 32 11.19 3.62 12.73
C GLY A 32 11.23 2.87 11.41
N SER A 33 10.07 2.63 10.82
CA SER A 33 9.93 2.08 9.46
C SER A 33 9.85 3.23 8.44
N CYS A 34 10.10 2.93 7.18
CA CYS A 34 10.04 3.88 6.07
C CYS A 34 9.17 3.25 5.01
N VAL A 35 8.29 4.03 4.43
CA VAL A 35 7.51 3.54 3.28
C VAL A 35 7.70 4.51 2.15
N TYR A 36 8.15 3.97 1.04
CA TYR A 36 8.26 4.70 -0.23
C TYR A 36 6.93 4.55 -0.94
N VAL A 37 6.35 5.67 -1.30
CA VAL A 37 5.08 5.68 -2.05
C VAL A 37 5.41 6.08 -3.45
N ILE A 38 5.44 5.09 -4.33
CA ILE A 38 5.90 5.29 -5.71
C ILE A 38 4.67 5.57 -6.55
N ASP A 39 4.47 6.82 -6.90
CA ASP A 39 3.14 7.25 -7.35
C ASP A 39 3.21 8.63 -7.99
N THR A 40 2.20 9.45 -7.82
CA THR A 40 2.13 10.79 -8.43
C THR A 40 2.83 11.80 -7.53
N GLY A 41 3.46 11.34 -6.43
CA GLY A 41 4.02 12.27 -5.44
C GLY A 41 3.18 12.35 -4.19
N ILE A 42 3.62 13.12 -3.21
CA ILE A 42 2.91 13.26 -1.93
C ILE A 42 2.89 14.73 -1.67
N GLU A 43 1.77 15.27 -1.26
CA GLU A 43 1.72 16.64 -0.74
C GLU A 43 2.22 16.57 0.70
N ALA A 44 3.53 16.63 0.88
CA ALA A 44 4.17 16.41 2.18
C ALA A 44 3.65 17.46 3.18
N SER A 45 3.23 18.63 2.69
CA SER A 45 2.81 19.74 3.56
C SER A 45 1.44 19.44 4.18
N HIS A 46 0.74 18.42 3.71
CA HIS A 46 -0.62 18.13 4.25
C HIS A 46 -0.48 17.96 5.74
N PRO A 47 -1.28 18.66 6.57
CA PRO A 47 -1.15 18.54 8.03
C PRO A 47 -1.26 17.10 8.50
N GLU A 48 -2.00 16.26 7.77
CA GLU A 48 -2.21 14.87 8.19
C GLU A 48 -0.89 14.09 8.21
N PHE A 49 0.16 14.53 7.51
CA PHE A 49 1.46 13.80 7.52
C PHE A 49 2.35 14.27 8.65
N GLU A 50 1.97 15.34 9.36
CA GLU A 50 2.66 15.78 10.58
C GLU A 50 4.15 15.90 10.33
N GLY A 51 4.57 16.21 9.12
CA GLY A 51 6.01 16.43 8.87
C GLY A 51 6.75 15.12 8.62
N ARG A 52 6.05 13.99 8.59
CA ARG A 52 6.69 12.65 8.39
C ARG A 52 6.80 12.31 6.90
N ALA A 53 6.31 13.15 5.99
CA ALA A 53 6.35 12.84 4.54
C ALA A 53 7.37 13.77 3.90
N GLN A 54 8.07 13.28 2.91
CA GLN A 54 8.94 14.15 2.10
C GLN A 54 9.05 13.51 0.74
N MET A 55 9.10 14.34 -0.30
CA MET A 55 9.44 13.90 -1.65
C MET A 55 10.94 13.63 -1.68
N VAL A 56 11.34 12.51 -2.24
CA VAL A 56 12.78 12.20 -2.35
C VAL A 56 13.20 12.10 -3.81
N LYS A 57 12.26 11.94 -4.73
CA LYS A 57 12.64 11.82 -6.15
C LYS A 57 11.43 12.18 -7.01
N THR A 58 11.67 12.86 -8.11
CA THR A 58 10.63 13.05 -9.11
C THR A 58 11.22 12.76 -10.46
N TYR A 59 10.39 12.29 -11.37
CA TYR A 59 10.80 12.05 -12.77
C TYR A 59 10.12 13.04 -13.67
N TYR A 60 9.57 14.10 -13.08
CA TYR A 60 8.85 15.13 -13.85
C TYR A 60 9.39 16.50 -13.43
N TYR A 61 8.80 17.56 -13.94
CA TYR A 61 9.31 18.93 -13.79
C TYR A 61 9.28 19.36 -12.33
N SER A 62 8.31 18.81 -11.56
CA SER A 62 8.09 19.18 -10.16
C SER A 62 7.92 17.90 -9.37
N SER A 63 8.29 17.95 -8.10
CA SER A 63 8.00 16.84 -7.19
C SER A 63 6.58 17.00 -6.64
N ARG A 64 5.87 18.08 -6.93
CA ARG A 64 4.53 18.29 -6.32
C ARG A 64 3.58 17.24 -6.84
N ASP A 65 2.72 16.70 -5.97
CA ASP A 65 1.59 15.88 -6.40
C ASP A 65 0.50 16.80 -6.97
N GLY A 66 0.44 16.88 -8.29
CA GLY A 66 -0.58 17.67 -8.99
C GLY A 66 -1.82 16.82 -9.22
N ASN A 67 -1.82 15.59 -8.75
CA ASN A 67 -2.93 14.68 -9.06
C ASN A 67 -3.77 14.43 -7.80
N GLY A 68 -3.15 13.95 -6.73
CA GLY A 68 -3.90 13.54 -5.52
C GLY A 68 -3.71 12.06 -5.23
N HIS A 69 -3.50 11.27 -6.26
CA HIS A 69 -3.51 9.80 -6.08
C HIS A 69 -2.38 9.42 -5.12
N GLY A 70 -1.18 9.95 -5.33
CA GLY A 70 -0.05 9.60 -4.44
C GLY A 70 -0.30 10.04 -3.04
N THR A 71 -0.85 11.22 -2.89
CA THR A 71 -1.16 11.79 -1.56
C THR A 71 -2.22 10.92 -0.87
N HIS A 72 -3.19 10.41 -1.59
CA HIS A 72 -4.22 9.51 -1.03
C HIS A 72 -3.56 8.25 -0.55
N CYS A 73 -2.76 7.63 -1.40
CA CYS A 73 -2.08 6.37 -1.05
C CYS A 73 -1.17 6.60 0.16
N ALA A 74 -0.40 7.66 0.14
CA ALA A 74 0.51 7.98 1.25
C ALA A 74 -0.35 8.13 2.51
N GLY A 75 -1.49 8.79 2.42
CA GLY A 75 -2.36 8.97 3.58
C GLY A 75 -2.84 7.65 4.15
N THR A 76 -3.11 6.67 3.30
CA THR A 76 -3.57 5.38 3.82
C THR A 76 -2.37 4.69 4.48
N VAL A 77 -1.16 4.88 3.95
CA VAL A 77 0.01 4.24 4.57
C VAL A 77 0.19 4.86 5.96
N GLY A 78 0.16 6.19 6.05
CA GLY A 78 0.78 6.80 7.22
C GLY A 78 0.29 8.17 7.61
N SER A 79 -0.86 8.63 7.13
CA SER A 79 -1.39 9.87 7.72
C SER A 79 -1.90 9.56 9.14
N ARG A 80 -2.03 10.60 9.92
CA ARG A 80 -2.54 10.52 11.30
C ARG A 80 -3.92 9.89 11.27
N THR A 81 -4.84 10.50 10.53
CA THR A 81 -6.26 10.08 10.61
C THR A 81 -6.51 8.90 9.69
N TYR A 82 -5.84 8.84 8.55
CA TYR A 82 -6.29 7.90 7.50
C TYR A 82 -5.32 6.71 7.39
N GLY A 83 -4.24 6.72 8.16
CA GLY A 83 -3.11 5.82 7.92
C GLY A 83 -3.13 4.58 8.76
N VAL A 84 -2.59 3.51 8.23
CA VAL A 84 -2.41 2.27 9.00
C VAL A 84 -1.25 2.47 9.98
N ALA A 85 -0.15 3.04 9.53
CA ALA A 85 1.13 3.14 10.26
C ALA A 85 1.38 4.63 10.54
N LYS A 86 0.79 5.12 11.62
CA LYS A 86 0.60 6.58 11.81
C LYS A 86 1.89 7.28 12.16
N LYS A 87 2.96 6.55 12.43
CA LYS A 87 4.23 7.17 12.83
C LYS A 87 5.34 6.74 11.88
N THR A 88 4.99 6.11 10.76
CA THR A 88 5.99 5.76 9.73
C THR A 88 6.56 7.00 9.04
N GLN A 89 7.73 6.85 8.43
CA GLN A 89 8.32 7.92 7.60
C GLN A 89 7.87 7.62 6.16
N LEU A 90 7.29 8.61 5.50
CA LEU A 90 6.85 8.43 4.12
C LEU A 90 7.83 9.14 3.22
N PHE A 91 8.18 8.46 2.13
CA PHE A 91 9.06 9.06 1.12
C PHE A 91 8.36 8.95 -0.20
N GLY A 92 8.19 10.10 -0.86
CA GLY A 92 7.50 10.16 -2.15
C GLY A 92 8.45 9.97 -3.32
N VAL A 93 8.07 9.11 -4.23
CA VAL A 93 8.84 8.94 -5.48
C VAL A 93 7.85 9.16 -6.61
N LYS A 94 7.99 10.26 -7.33
CA LYS A 94 6.98 10.64 -8.33
C LYS A 94 7.36 10.01 -9.64
N VAL A 95 6.76 8.85 -9.93
CA VAL A 95 6.97 8.19 -11.22
C VAL A 95 5.77 8.39 -12.12
N LEU A 96 4.66 8.87 -11.59
CA LEU A 96 3.45 9.16 -12.37
C LEU A 96 3.29 10.66 -12.50
N ASP A 97 2.87 11.07 -13.67
CA ASP A 97 2.62 12.48 -13.96
C ASP A 97 1.33 12.93 -13.27
N ASP A 98 0.94 14.19 -13.50
CA ASP A 98 -0.18 14.77 -12.73
C ASP A 98 -1.48 14.23 -13.31
N ASN A 99 -1.44 13.50 -14.41
CA ASN A 99 -2.64 12.80 -14.91
C ASN A 99 -2.73 11.41 -14.34
N GLY A 100 -1.71 10.98 -13.58
CA GLY A 100 -1.63 9.64 -12.99
C GLY A 100 -1.04 8.62 -13.91
N SER A 101 -0.44 9.03 -15.01
CA SER A 101 0.16 8.08 -16.00
C SER A 101 1.68 8.11 -15.84
N GLY A 102 2.36 7.05 -16.22
CA GLY A 102 3.82 7.05 -16.24
C GLY A 102 4.34 6.02 -17.21
N GLN A 103 5.39 6.31 -17.96
CA GLN A 103 6.04 5.30 -18.83
C GLN A 103 6.59 4.18 -17.93
N TYR A 104 6.63 2.96 -18.44
CA TYR A 104 7.25 1.82 -17.73
C TYR A 104 8.70 2.11 -17.37
N SER A 105 9.45 2.73 -18.27
CA SER A 105 10.89 3.00 -18.03
C SER A 105 11.01 3.89 -16.80
N THR A 106 10.06 4.79 -16.57
CA THR A 106 10.15 5.72 -15.42
C THR A 106 9.80 4.95 -14.15
N ILE A 107 8.77 4.14 -14.22
CA ILE A 107 8.34 3.35 -13.04
C ILE A 107 9.49 2.44 -12.67
N ILE A 108 10.14 1.83 -13.62
CA ILE A 108 11.30 0.96 -13.32
C ILE A 108 12.42 1.80 -12.70
N ALA A 109 12.69 2.98 -13.21
CA ALA A 109 13.75 3.83 -12.66
C ALA A 109 13.42 4.16 -11.21
N GLY A 110 12.14 4.42 -10.92
CA GLY A 110 11.70 4.79 -9.57
C GLY A 110 11.85 3.63 -8.64
N MET A 111 11.59 2.42 -9.11
CA MET A 111 11.83 1.23 -8.26
C MET A 111 13.34 1.09 -7.99
N ASP A 112 14.17 1.20 -9.01
CA ASP A 112 15.63 1.06 -8.79
C ASP A 112 16.09 2.20 -7.86
N PHE A 113 15.54 3.39 -8.03
CA PHE A 113 15.89 4.53 -7.14
C PHE A 113 15.65 4.13 -5.69
N VAL A 114 14.48 3.55 -5.38
CA VAL A 114 14.17 3.17 -3.98
C VAL A 114 15.19 2.17 -3.48
N ALA A 115 15.50 1.15 -4.27
CA ALA A 115 16.40 0.09 -3.83
C ALA A 115 17.72 0.71 -3.40
N SER A 116 18.17 1.77 -4.07
CA SER A 116 19.42 2.44 -3.71
C SER A 116 19.19 3.46 -2.60
N ASP A 117 18.23 4.34 -2.77
CA ASP A 117 17.99 5.46 -1.87
C ASP A 117 17.82 4.97 -0.43
N LYS A 118 17.20 3.83 -0.22
CA LYS A 118 16.91 3.35 1.14
C LYS A 118 18.23 3.21 1.88
N ASN A 119 19.33 3.01 1.16
CA ASN A 119 20.61 2.77 1.84
C ASN A 119 21.07 4.08 2.48
N ASN A 120 20.53 5.23 2.13
CA ASN A 120 21.06 6.49 2.72
C ASN A 120 19.99 7.09 3.65
N ARG A 121 19.01 6.29 4.06
CA ARG A 121 17.95 6.71 5.03
C ARG A 121 18.11 5.87 6.28
N ASN A 122 17.69 6.44 7.36
CA ASN A 122 17.67 5.78 8.68
C ASN A 122 16.28 5.17 8.85
N CYS A 123 16.15 3.86 8.62
CA CYS A 123 14.84 3.13 8.64
C CYS A 123 15.06 1.88 9.46
N PRO A 124 15.38 2.06 10.75
CA PRO A 124 15.88 0.95 11.54
C PRO A 124 14.91 -0.25 11.56
N LYS A 125 13.61 -0.02 11.42
CA LYS A 125 12.65 -1.12 11.49
C LYS A 125 12.37 -1.70 10.10
N GLY A 126 12.90 -1.09 9.06
CA GLY A 126 12.84 -1.64 7.70
C GLY A 126 12.06 -0.76 6.76
N VAL A 127 12.05 -1.18 5.51
CA VAL A 127 11.64 -0.34 4.39
C VAL A 127 10.58 -1.09 3.61
N VAL A 128 9.55 -0.35 3.24
CA VAL A 128 8.37 -0.84 2.52
C VAL A 128 8.25 0.04 1.26
N ALA A 129 7.76 -0.49 0.16
CA ALA A 129 7.46 0.35 -1.00
C ALA A 129 6.02 0.04 -1.36
N SER A 130 5.23 1.06 -1.63
CA SER A 130 3.82 0.88 -1.97
C SER A 130 3.67 1.33 -3.41
N LEU A 131 3.33 0.41 -4.31
CA LEU A 131 3.22 0.70 -5.76
C LEU A 131 1.75 0.55 -6.16
N SER A 132 1.03 1.64 -6.07
CA SER A 132 -0.40 1.69 -6.44
C SER A 132 -0.45 2.07 -7.91
N LEU A 133 0.03 1.20 -8.74
CA LEU A 133 0.11 1.51 -10.16
C LEU A 133 0.14 0.20 -10.92
N GLY A 134 0.10 0.30 -12.22
CA GLY A 134 0.18 -0.95 -12.96
C GLY A 134 -0.24 -0.68 -14.35
N GLY A 135 0.19 -1.57 -15.21
CA GLY A 135 -0.25 -1.58 -16.61
C GLY A 135 -0.23 -2.99 -17.11
N GLY A 136 -0.20 -3.17 -18.41
CA GLY A 136 -0.16 -4.51 -18.98
C GLY A 136 1.11 -5.27 -18.59
N TYR A 137 1.09 -6.56 -18.79
CA TYR A 137 2.22 -7.41 -18.45
C TYR A 137 3.48 -6.80 -19.03
N SER A 138 4.54 -6.72 -18.23
CA SER A 138 5.89 -6.31 -18.71
C SER A 138 6.90 -7.11 -17.92
N SER A 139 7.73 -7.90 -18.58
CA SER A 139 8.72 -8.66 -17.81
C SER A 139 9.69 -7.67 -17.16
N SER A 140 9.98 -6.54 -17.79
CA SER A 140 10.98 -5.56 -17.29
C SER A 140 10.37 -4.88 -16.05
N VAL A 141 9.07 -4.59 -16.06
CA VAL A 141 8.48 -3.97 -14.87
C VAL A 141 8.48 -4.99 -13.75
N ASN A 142 8.11 -6.21 -14.02
CA ASN A 142 8.11 -7.25 -12.97
C ASN A 142 9.52 -7.45 -12.46
N SER A 143 10.52 -7.48 -13.33
CA SER A 143 11.94 -7.66 -12.93
C SER A 143 12.32 -6.51 -11.98
N ALA A 144 11.89 -5.28 -12.24
CA ALA A 144 12.22 -4.11 -11.40
C ALA A 144 11.59 -4.30 -10.03
N ALA A 145 10.36 -4.75 -9.98
CA ALA A 145 9.67 -4.97 -8.69
C ALA A 145 10.39 -6.12 -7.96
N ALA A 146 10.82 -7.16 -8.67
CA ALA A 146 11.55 -8.28 -8.07
C ALA A 146 12.86 -7.74 -7.48
N ARG A 147 13.57 -6.89 -8.21
CA ARG A 147 14.85 -6.33 -7.73
C ARG A 147 14.56 -5.55 -6.45
N LEU A 148 13.53 -4.74 -6.47
CA LEU A 148 13.31 -3.86 -5.30
C LEU A 148 13.05 -4.74 -4.05
N GLN A 149 12.22 -5.75 -4.21
CA GLN A 149 11.98 -6.76 -3.16
C GLN A 149 13.30 -7.43 -2.77
N SER A 150 14.06 -7.92 -3.72
CA SER A 150 15.35 -8.60 -3.43
C SER A 150 16.27 -7.66 -2.63
N SER A 151 16.20 -6.37 -2.91
CA SER A 151 17.11 -5.38 -2.30
C SER A 151 16.79 -5.25 -0.81
N GLY A 152 15.70 -5.82 -0.32
CA GLY A 152 15.35 -5.75 1.12
C GLY A 152 14.26 -4.74 1.39
N VAL A 153 13.37 -4.55 0.44
CA VAL A 153 12.21 -3.64 0.61
C VAL A 153 10.97 -4.50 0.56
N MET A 154 10.00 -4.31 1.44
CA MET A 154 8.73 -5.07 1.31
C MET A 154 7.96 -4.35 0.24
N VAL A 155 7.86 -4.95 -0.94
CA VAL A 155 7.12 -4.32 -2.03
C VAL A 155 5.66 -4.79 -2.01
N ALA A 156 4.73 -3.84 -1.96
CA ALA A 156 3.31 -4.12 -2.09
C ALA A 156 2.84 -3.48 -3.39
N VAL A 157 2.15 -4.23 -4.23
CA VAL A 157 1.71 -3.68 -5.52
C VAL A 157 0.23 -3.95 -5.67
N ALA A 158 -0.44 -3.05 -6.38
CA ALA A 158 -1.87 -3.19 -6.66
C ALA A 158 -2.12 -4.36 -7.62
N ALA A 159 -3.15 -5.15 -7.38
CA ALA A 159 -3.53 -6.24 -8.30
C ALA A 159 -4.04 -5.64 -9.63
N GLY A 160 -4.57 -4.42 -9.61
CA GLY A 160 -5.18 -3.78 -10.79
C GLY A 160 -6.69 -3.79 -10.71
N ASN A 161 -7.35 -2.92 -11.49
CA ASN A 161 -8.81 -2.74 -11.36
C ASN A 161 -9.53 -3.22 -12.62
N ASN A 162 -9.15 -4.37 -13.17
CA ASN A 162 -9.69 -4.83 -14.47
C ASN A 162 -10.72 -5.93 -14.26
N ASN A 163 -11.02 -6.30 -13.03
CA ASN A 163 -11.90 -7.45 -12.76
C ASN A 163 -11.43 -8.61 -13.63
N ALA A 164 -10.11 -8.85 -13.64
CA ALA A 164 -9.52 -9.90 -14.48
C ALA A 164 -8.40 -10.57 -13.69
N ASP A 165 -7.81 -11.58 -14.31
CA ASP A 165 -6.66 -12.27 -13.70
C ASP A 165 -5.47 -11.29 -13.74
N ALA A 166 -4.86 -11.07 -12.60
CA ALA A 166 -3.72 -10.15 -12.45
C ALA A 166 -2.50 -10.69 -13.16
N ARG A 167 -2.51 -11.95 -13.62
CA ARG A 167 -1.39 -12.53 -14.38
C ARG A 167 -1.05 -11.63 -15.59
N ASN A 168 -1.99 -10.84 -16.08
CA ASN A 168 -1.78 -10.08 -17.32
C ASN A 168 -1.37 -8.65 -17.02
N TYR A 169 -0.97 -8.34 -15.81
CA TYR A 169 -0.70 -6.95 -15.42
C TYR A 169 0.63 -6.94 -14.69
N SER A 170 1.27 -5.80 -14.72
CA SER A 170 2.57 -5.64 -14.06
C SER A 170 2.56 -4.32 -13.32
N PRO A 171 3.17 -4.24 -12.13
CA PRO A 171 3.90 -5.37 -11.52
C PRO A 171 3.08 -6.37 -10.71
N ALA A 172 1.76 -6.34 -10.85
CA ALA A 172 0.88 -7.29 -10.14
C ALA A 172 1.37 -8.72 -10.33
N SER A 173 1.76 -9.08 -11.55
CA SER A 173 2.06 -10.48 -11.92
C SER A 173 3.44 -10.89 -11.45
N GLU A 174 4.23 -9.99 -10.84
CA GLU A 174 5.56 -10.41 -10.33
C GLU A 174 5.34 -11.28 -9.11
N PRO A 175 5.69 -12.57 -9.14
CA PRO A 175 5.41 -13.45 -7.99
C PRO A 175 6.05 -12.98 -6.67
N SER A 176 7.24 -12.39 -6.70
CA SER A 176 8.06 -12.21 -5.49
C SER A 176 7.59 -11.03 -4.64
N VAL A 177 6.68 -10.20 -5.12
CA VAL A 177 6.22 -9.02 -4.35
C VAL A 177 4.87 -9.41 -3.75
N CYS A 178 4.25 -8.48 -3.05
CA CYS A 178 2.97 -8.73 -2.39
C CYS A 178 1.90 -8.05 -3.23
N THR A 179 1.16 -8.84 -3.97
CA THR A 179 0.13 -8.38 -4.92
C THR A 179 -1.19 -8.28 -4.14
N VAL A 180 -1.77 -7.09 -4.15
CA VAL A 180 -2.87 -6.76 -3.23
C VAL A 180 -4.16 -6.55 -4.01
N GLY A 181 -5.18 -7.35 -3.71
CA GLY A 181 -6.56 -7.19 -4.20
C GLY A 181 -7.32 -6.25 -3.32
N ALA A 182 -8.46 -5.81 -3.79
CA ALA A 182 -9.30 -4.85 -3.04
C ALA A 182 -10.56 -5.56 -2.56
N SER A 183 -11.03 -5.19 -1.37
CA SER A 183 -12.33 -5.62 -0.83
C SER A 183 -13.16 -4.40 -0.49
N ASP A 184 -14.44 -4.59 -0.28
CA ASP A 184 -15.31 -3.48 0.15
C ASP A 184 -15.71 -3.69 1.62
N ARG A 185 -16.51 -2.79 2.14
CA ARG A 185 -16.80 -2.76 3.59
C ARG A 185 -17.69 -3.93 3.97
N TYR A 186 -18.30 -4.60 3.01
CA TYR A 186 -19.15 -5.79 3.28
C TYR A 186 -18.37 -7.07 3.07
N ASP A 187 -17.04 -6.99 2.99
CA ASP A 187 -16.16 -8.15 2.74
C ASP A 187 -16.47 -8.86 1.41
N ARG A 188 -16.89 -8.10 0.42
CA ARG A 188 -16.91 -8.63 -0.96
C ARG A 188 -15.61 -8.20 -1.61
N ARG A 189 -15.14 -9.05 -2.49
CA ARG A 189 -14.14 -8.62 -3.46
C ARG A 189 -14.67 -7.35 -4.11
N SER A 190 -13.86 -6.31 -4.16
CA SER A 190 -14.27 -5.05 -4.81
C SER A 190 -14.65 -5.39 -6.26
N SER A 191 -15.69 -4.78 -6.82
CA SER A 191 -16.21 -5.25 -8.11
C SER A 191 -15.12 -5.14 -9.16
N PHE A 192 -14.23 -4.19 -9.02
CA PHE A 192 -13.19 -3.96 -10.02
C PHE A 192 -11.94 -4.77 -9.72
N SER A 193 -11.83 -5.44 -8.56
CA SER A 193 -10.51 -5.96 -8.14
C SER A 193 -10.08 -7.08 -9.09
N ASN A 194 -8.86 -7.00 -9.59
CA ASN A 194 -8.23 -8.20 -10.18
C ASN A 194 -8.16 -9.33 -9.14
N TYR A 195 -7.96 -10.52 -9.67
CA TYR A 195 -7.94 -11.75 -8.88
C TYR A 195 -6.92 -12.67 -9.51
N GLY A 196 -6.84 -13.88 -9.02
CA GLY A 196 -5.98 -14.88 -9.62
C GLY A 196 -4.94 -15.38 -8.67
N SER A 197 -4.23 -16.38 -9.13
CA SER A 197 -3.26 -17.13 -8.31
C SER A 197 -2.18 -16.17 -7.79
N VAL A 198 -1.86 -15.10 -8.51
CA VAL A 198 -0.73 -14.23 -8.11
C VAL A 198 -1.12 -13.28 -6.96
N LEU A 199 -2.39 -13.09 -6.67
CA LEU A 199 -2.78 -12.30 -5.49
C LEU A 199 -2.21 -12.97 -4.23
N ASP A 200 -1.63 -12.16 -3.36
CA ASP A 200 -1.14 -12.62 -2.04
C ASP A 200 -2.18 -12.31 -0.98
N ILE A 201 -2.96 -11.25 -1.17
CA ILE A 201 -3.68 -10.71 -0.01
C ILE A 201 -4.72 -9.75 -0.55
N PHE A 202 -5.76 -9.52 0.21
CA PHE A 202 -6.70 -8.44 -0.04
C PHE A 202 -6.55 -7.38 1.04
N GLY A 203 -6.81 -6.16 0.66
CA GLY A 203 -7.01 -5.12 1.64
C GLY A 203 -8.23 -4.29 1.27
N PRO A 204 -8.69 -3.41 2.18
CA PRO A 204 -9.78 -2.51 1.86
C PRO A 204 -9.44 -1.61 0.67
N GLY A 205 -10.29 -1.59 -0.32
CA GLY A 205 -10.04 -0.79 -1.54
C GLY A 205 -11.24 -0.04 -2.05
N THR A 206 -12.45 -0.28 -1.54
CA THR A 206 -13.66 0.42 -2.02
C THR A 206 -13.99 1.51 -1.02
N SER A 207 -14.09 2.76 -1.49
CA SER A 207 -14.61 3.90 -0.70
C SER A 207 -13.66 4.12 0.46
N ILE A 208 -12.41 4.35 0.16
CA ILE A 208 -11.33 4.59 1.14
C ILE A 208 -11.12 6.10 1.26
N LEU A 209 -11.38 6.64 2.43
CA LEU A 209 -11.12 8.04 2.78
C LEU A 209 -9.64 8.20 3.12
N SER A 210 -9.00 9.14 2.47
CA SER A 210 -7.64 9.53 2.82
C SER A 210 -7.38 10.95 2.43
N THR A 211 -6.14 11.35 2.61
CA THR A 211 -5.62 12.67 2.24
C THR A 211 -5.76 12.89 0.74
N TRP A 212 -5.91 14.15 0.39
CA TRP A 212 -5.89 14.56 -1.03
C TRP A 212 -5.11 15.86 -1.10
N ILE A 213 -4.80 16.28 -2.31
CA ILE A 213 -4.06 17.52 -2.51
C ILE A 213 -4.91 18.71 -2.12
N GLY A 214 -4.24 19.84 -1.90
CA GLY A 214 -4.88 21.05 -1.38
C GLY A 214 -5.28 20.89 0.06
N GLY A 215 -4.57 20.04 0.82
CA GLY A 215 -4.83 19.87 2.26
C GLY A 215 -6.22 19.32 2.47
N SER A 216 -6.75 18.58 1.50
CA SER A 216 -8.12 18.07 1.52
C SER A 216 -8.17 16.57 1.87
N THR A 217 -9.35 15.98 1.81
CA THR A 217 -9.54 14.53 1.94
C THR A 217 -10.54 14.13 0.85
N ARG A 218 -10.50 12.89 0.42
CA ARG A 218 -11.64 12.36 -0.34
C ARG A 218 -11.56 10.86 -0.28
N SER A 219 -12.66 10.24 -0.66
CA SER A 219 -12.83 8.78 -0.69
C SER A 219 -12.73 8.38 -2.14
N ILE A 220 -11.83 7.46 -2.45
CA ILE A 220 -11.73 6.88 -3.79
C ILE A 220 -11.54 5.37 -3.66
N SER A 221 -11.63 4.65 -4.77
CA SER A 221 -11.72 3.19 -4.76
C SER A 221 -10.66 2.67 -5.71
N GLY A 222 -10.04 1.54 -5.36
CA GLY A 222 -9.08 0.94 -6.25
C GLY A 222 -8.25 -0.07 -5.54
N THR A 223 -7.63 -0.96 -6.30
CA THR A 223 -6.55 -1.80 -5.70
C THR A 223 -5.42 -0.85 -5.29
N SER A 224 -5.40 0.36 -5.84
CA SER A 224 -4.43 1.42 -5.45
C SER A 224 -4.65 1.81 -3.98
N MET A 225 -5.85 1.65 -3.45
CA MET A 225 -6.20 2.05 -2.08
C MET A 225 -6.00 0.85 -1.15
N ALA A 226 -6.15 -0.37 -1.63
CA ALA A 226 -5.87 -1.58 -0.86
C ALA A 226 -4.37 -1.69 -0.61
N THR A 227 -3.56 -1.47 -1.64
CA THR A 227 -2.11 -1.66 -1.60
C THR A 227 -1.51 -0.92 -0.39
N PRO A 228 -1.78 0.38 -0.17
CA PRO A 228 -1.17 1.10 0.95
C PRO A 228 -1.66 0.60 2.30
N HIS A 229 -2.84 -0.01 2.37
CA HIS A 229 -3.24 -0.63 3.64
C HIS A 229 -2.21 -1.70 3.98
N VAL A 230 -1.89 -2.50 2.99
CA VAL A 230 -0.96 -3.63 3.16
C VAL A 230 0.43 -3.08 3.40
N ALA A 231 0.84 -2.05 2.64
CA ALA A 231 2.16 -1.44 2.85
C ALA A 231 2.24 -0.88 4.25
N GLY A 232 1.23 -0.14 4.70
CA GLY A 232 1.24 0.38 6.06
C GLY A 232 1.22 -0.76 7.04
N LEU A 233 0.46 -1.82 6.79
CA LEU A 233 0.41 -2.94 7.74
C LEU A 233 1.78 -3.58 7.81
N ALA A 234 2.49 -3.70 6.70
CA ALA A 234 3.84 -4.29 6.73
C ALA A 234 4.73 -3.40 7.63
N ALA A 235 4.70 -2.09 7.43
CA ALA A 235 5.52 -1.13 8.18
C ALA A 235 5.21 -1.31 9.67
N TYR A 236 3.94 -1.37 9.98
CA TYR A 236 3.47 -1.54 11.35
C TYR A 236 4.04 -2.84 11.92
N LEU A 237 3.90 -3.97 11.23
CA LEU A 237 4.37 -5.27 11.76
C LEU A 237 5.89 -5.31 11.87
N MET A 238 6.58 -4.66 10.94
CA MET A 238 8.05 -4.67 10.92
C MET A 238 8.51 -3.92 12.17
N THR A 239 7.84 -2.80 12.46
CA THR A 239 8.16 -1.99 13.64
C THR A 239 7.97 -2.81 14.92
N LEU A 240 6.93 -3.65 14.95
CA LEU A 240 6.60 -4.56 16.06
C LEU A 240 7.56 -5.76 16.13
N GLY A 241 8.49 -5.83 15.19
CA GLY A 241 9.48 -6.91 15.10
C GLY A 241 8.84 -8.24 14.74
N LYS A 242 7.60 -8.24 14.25
CA LYS A 242 6.88 -9.49 13.99
C LYS A 242 7.37 -10.12 12.70
N THR A 243 7.94 -9.33 11.79
CA THR A 243 8.30 -9.83 10.47
C THR A 243 9.36 -8.94 9.88
N THR A 244 9.85 -9.27 8.72
CA THR A 244 10.94 -8.54 8.05
C THR A 244 10.44 -8.20 6.66
N ALA A 245 11.15 -7.34 5.94
CA ALA A 245 10.79 -7.02 4.55
C ALA A 245 10.65 -8.30 3.73
N ALA A 246 11.56 -9.27 3.86
CA ALA A 246 11.57 -10.48 3.02
C ALA A 246 10.30 -11.32 3.28
N SER A 247 9.79 -11.29 4.47
CA SER A 247 8.76 -12.29 4.84
C SER A 247 7.44 -11.63 5.13
N ALA A 248 7.36 -10.29 5.11
CA ALA A 248 6.15 -9.59 5.60
C ALA A 248 4.91 -10.03 4.81
N CYS A 249 5.04 -10.20 3.50
CA CYS A 249 3.87 -10.53 2.71
C CYS A 249 3.34 -11.91 3.18
N ARG A 250 4.23 -12.86 3.34
CA ARG A 250 3.90 -14.22 3.82
C ARG A 250 3.33 -14.11 5.23
N TYR A 251 3.94 -13.30 6.09
CA TYR A 251 3.46 -13.13 7.48
C TYR A 251 2.03 -12.56 7.46
N ILE A 252 1.80 -11.56 6.61
CA ILE A 252 0.48 -10.91 6.49
C ILE A 252 -0.52 -11.95 5.99
N ALA A 253 -0.11 -12.74 5.00
CA ALA A 253 -1.00 -13.82 4.50
C ALA A 253 -1.26 -14.82 5.63
N ASP A 254 -0.23 -15.22 6.36
CA ASP A 254 -0.36 -16.26 7.43
C ASP A 254 -1.31 -15.78 8.54
N THR A 255 -1.38 -14.47 8.77
CA THR A 255 -2.06 -13.90 9.93
C THR A 255 -3.34 -13.20 9.48
N ALA A 256 -3.67 -13.36 8.22
CA ALA A 256 -4.83 -12.71 7.61
C ALA A 256 -6.13 -13.27 8.18
N ASN A 257 -7.20 -12.52 8.08
CA ASN A 257 -8.58 -13.08 8.17
C ASN A 257 -8.77 -13.99 6.96
N LYS A 258 -9.10 -15.26 7.22
CA LYS A 258 -9.20 -16.32 6.17
C LYS A 258 -10.66 -16.59 5.90
N GLY A 259 -11.05 -16.65 4.63
CA GLY A 259 -12.40 -17.07 4.21
C GLY A 259 -13.46 -16.03 4.45
N ASP A 260 -13.08 -14.80 4.78
CA ASP A 260 -14.08 -13.76 5.09
C ASP A 260 -14.66 -13.17 3.83
N LEU A 261 -13.96 -13.25 2.70
CA LEU A 261 -14.40 -12.47 1.53
C LEU A 261 -15.39 -13.26 0.67
N SER A 262 -16.34 -12.55 0.11
CA SER A 262 -17.28 -13.11 -0.88
C SER A 262 -16.82 -12.71 -2.28
N ASN A 263 -17.28 -13.45 -3.29
CA ASN A 263 -16.95 -13.23 -4.71
C ASN A 263 -15.46 -13.43 -4.97
N ILE A 264 -14.83 -14.32 -4.22
CA ILE A 264 -13.43 -14.72 -4.52
C ILE A 264 -13.49 -15.90 -5.48
N PRO A 265 -12.98 -15.73 -6.72
CA PRO A 265 -12.97 -16.84 -7.69
C PRO A 265 -12.11 -18.00 -7.19
N PHE A 266 -12.52 -19.22 -7.43
CA PHE A 266 -11.72 -20.41 -7.07
C PHE A 266 -10.26 -20.15 -7.51
N GLY A 267 -9.27 -20.49 -6.68
CA GLY A 267 -7.84 -20.34 -7.02
C GLY A 267 -7.28 -18.98 -6.68
N THR A 268 -8.12 -18.10 -6.16
CA THR A 268 -7.65 -16.80 -5.62
C THR A 268 -7.65 -16.91 -4.11
N VAL A 269 -6.62 -16.39 -3.45
CA VAL A 269 -6.59 -16.44 -1.96
C VAL A 269 -7.83 -15.72 -1.40
N ASN A 270 -8.39 -16.25 -0.34
CA ASN A 270 -9.44 -15.55 0.42
C ASN A 270 -8.78 -15.09 1.70
N LEU A 271 -8.00 -14.03 1.62
CA LEU A 271 -7.20 -13.57 2.75
C LEU A 271 -7.33 -12.07 2.81
N LEU A 272 -7.64 -11.56 4.00
CA LEU A 272 -7.86 -10.12 4.18
C LEU A 272 -6.88 -9.64 5.22
N ALA A 273 -6.11 -8.63 4.89
CA ALA A 273 -5.04 -8.13 5.77
C ALA A 273 -5.64 -7.85 7.16
N TYR A 274 -4.94 -8.28 8.19
CA TYR A 274 -5.42 -8.17 9.57
C TYR A 274 -4.21 -7.95 10.47
N ASN A 275 -4.29 -7.04 11.43
CA ASN A 275 -3.13 -6.75 12.27
C ASN A 275 -3.12 -7.58 13.53
N ASN A 276 -4.14 -8.41 13.77
CA ASN A 276 -4.16 -9.28 14.96
C ASN A 276 -3.89 -8.50 16.23
N TYR A 277 -4.34 -7.27 16.34
CA TYR A 277 -3.99 -6.45 17.54
C TYR A 277 -4.75 -7.02 18.75
N GLN A 278 -4.07 -7.19 19.87
CA GLN A 278 -4.68 -7.54 21.18
C GLN A 278 -4.21 -6.52 22.23
N ALA A 279 -5.11 -5.66 22.72
CA ALA A 279 -4.83 -4.65 23.76
C ALA A 279 -4.09 -5.29 24.96
I3 I3C B . -16.08 6.95 3.09
I2 I3C B . -16.51 12.09 6.09
I1 I3C B . -15.46 6.88 9.11
O8 I3C B . -14.51 5.24 5.90
O9 I3C B . -16.62 5.02 6.45
C10 I3C B . -15.99 10.07 8.65
N13 I3C B . -16.47 9.98 3.69
C1 I3C B . -15.81 7.23 6.11
C6 I3C B . -16.05 7.94 4.93
C5 I3C B . -16.24 9.32 4.90
C4 I3C B . -16.22 10.00 6.13
C3 I3C B . -16.02 9.33 7.33
C2 I3C B . -15.80 7.94 7.32
C7 I3C B . -15.62 5.72 6.14
O11 I3C B . -17.09 10.39 9.15
O12 I3C B . -14.87 10.30 9.17
HN13 I3C B . -16.65 10.84 3.69
HN1A I3C B . -16.44 9.54 2.93
I3 I3C C . 6.50 20.77 1.03
I2 I3C C . 1.60 22.08 -2.20
I1 I3C C . 4.81 26.55 0.36
O8 I3C C . 6.38 24.09 2.63
O9 I3C C . 7.61 24.34 0.76
C10 I3C C . 2.46 25.09 -1.38
N13 I3C C . 3.90 20.34 -0.74
C1 I3C C . 5.37 23.55 0.51
C6 I3C C . 5.18 22.20 0.24
C5 I3C C . 4.09 21.72 -0.53
C4 I3C C . 3.21 22.69 -1.02
C3 I3C C . 3.40 24.06 -0.79
C2 I3C C . 4.48 24.48 -0.02
C7 I3C C . 6.55 24.02 1.37
O11 I3C C . 1.75 24.75 -2.35
O12 I3C C . 2.49 26.26 -0.91
HN13 I3C C . 3.18 20.06 -1.19
HN1A I3C C . 4.48 19.75 -0.45
CA CA D . 3.54 -12.70 -4.31
CA CA E . -14.01 -13.17 10.14
CA CA F . -3.76 -0.01 -10.08
CA CA G . 3.60 16.13 -14.25
CA CA H . 12.25 15.33 -5.19
#